data_7JP3
#
_entry.id   7JP3
#
_cell.length_a   71.606
_cell.length_b   60.001
_cell.length_c   61.448
_cell.angle_alpha   90.000
_cell.angle_beta   95.170
_cell.angle_gamma   90.000
#
_symmetry.space_group_name_H-M   'C 1 2 1'
#
loop_
_entity.id
_entity.type
_entity.pdbx_description
1 polymer 'Insulin B chain,Insulin A chain'
2 non-polymer PHENOL
3 non-polymer 'ZINC ION'
4 non-polymer 'CHLORIDE ION'
5 water water
#
_entity_poly.entity_id   1
_entity_poly.type   'polypeptide(L)'
_entity_poly.pdbx_seq_one_letter_code
;FVNQHLCGSHLVEALYLVCGERGFFYTKGIVEQCCTSICSLYQLENYCN
;
_entity_poly.pdbx_strand_id   A,B,C,D,E,F
#
# COMPACT_ATOMS: atom_id res chain seq x y z
N PHE A 1 -8.57 -12.16 14.30
CA PHE A 1 -9.05 -11.35 13.17
C PHE A 1 -8.36 -10.00 13.05
N VAL A 2 -7.02 -10.03 13.12
CA VAL A 2 -6.22 -9.03 12.43
C VAL A 2 -6.42 -9.30 10.94
N ASN A 3 -6.84 -10.52 10.59
CA ASN A 3 -7.28 -10.82 9.24
C ASN A 3 -8.29 -9.79 8.75
N GLN A 4 -9.25 -9.43 9.60
CA GLN A 4 -10.27 -8.44 9.24
C GLN A 4 -9.69 -7.04 9.04
N HIS A 5 -8.72 -6.67 9.88
CA HIS A 5 -8.07 -5.36 9.79
C HIS A 5 -7.33 -5.22 8.48
N LEU A 6 -6.62 -6.29 8.14
CA LEU A 6 -5.83 -6.31 6.93
C LEU A 6 -6.73 -6.21 5.69
N CYS A 7 -7.81 -6.99 5.67
CA CYS A 7 -8.72 -6.95 4.52
C CYS A 7 -9.28 -5.54 4.38
N GLY A 8 -9.64 -4.94 5.52
CA GLY A 8 -10.21 -3.59 5.50
C GLY A 8 -9.29 -2.56 4.87
N SER A 9 -7.98 -2.66 5.15
CA SER A 9 -6.98 -1.79 4.52
C SER A 9 -7.01 -1.84 2.99
N HIS A 10 -7.13 -3.03 2.43
CA HIS A 10 -7.19 -3.16 0.97
C HIS A 10 -8.53 -2.68 0.41
N LEU A 11 -9.59 -2.95 1.16
CA LEU A 11 -10.91 -2.55 0.73
C LEU A 11 -11.03 -1.02 0.58
N VAL A 12 -10.45 -0.26 1.51
CA VAL A 12 -10.53 1.20 1.36
C VAL A 12 -9.75 1.70 0.15
N GLU A 13 -8.63 1.05 -0.19
CA GLU A 13 -7.89 1.41 -1.40
C GLU A 13 -8.70 1.11 -2.64
N ALA A 14 -9.36 -0.05 -2.63
CA ALA A 14 -10.23 -0.44 -3.74
C ALA A 14 -11.38 0.57 -3.86
N LEU A 15 -11.97 0.95 -2.73
CA LEU A 15 -13.06 1.92 -2.76
C LEU A 15 -12.60 3.28 -3.31
N TYR A 16 -11.41 3.68 -2.88
CA TYR A 16 -10.82 4.91 -3.35
C TYR A 16 -10.65 4.93 -4.86
N LEU A 17 -10.16 3.82 -5.41
CA LEU A 17 -9.87 3.69 -6.82
C LEU A 17 -11.15 3.65 -7.65
N VAL A 18 -12.16 2.94 -7.14
CA VAL A 18 -13.42 2.83 -7.86
C VAL A 18 -14.20 4.14 -7.84
N CYS A 19 -14.27 4.76 -6.67
CA CYS A 19 -15.17 5.88 -6.48
C CYS A 19 -14.60 7.21 -7.00
N GLY A 20 -13.28 7.33 -7.01
CA GLY A 20 -12.63 8.54 -7.49
C GLY A 20 -13.09 9.82 -6.78
N GLU A 21 -13.43 10.84 -7.55
CA GLU A 21 -13.75 12.12 -6.92
C GLU A 21 -15.03 12.18 -6.12
N ARG A 22 -16.01 11.33 -6.41
CA ARG A 22 -17.23 11.34 -5.60
C ARG A 22 -16.93 10.91 -4.16
N GLY A 23 -15.85 10.15 -3.96
CA GLY A 23 -15.54 9.71 -2.61
C GLY A 23 -16.39 8.55 -2.18
N PHE A 24 -16.26 8.14 -0.91
CA PHE A 24 -16.97 6.97 -0.48
C PHE A 24 -17.22 6.99 1.01
N PHE A 25 -18.07 6.08 1.42
CA PHE A 25 -18.46 5.96 2.81
C PHE A 25 -17.99 4.62 3.29
N TYR A 26 -17.18 4.61 4.33
CA TYR A 26 -16.62 3.36 4.78
C TYR A 26 -17.12 2.95 6.16
N THR A 27 -17.67 1.74 6.19
CA THR A 27 -18.28 1.13 7.37
C THR A 27 -18.03 -0.38 7.32
N LYS A 28 -17.73 -0.97 8.47
CA LYS A 28 -17.49 -2.43 8.61
C LYS A 28 -18.66 -3.08 9.36
N GLY A 29 -19.90 -2.98 8.86
CA GLY A 29 -20.24 -2.76 7.46
C GLY A 29 -19.54 -3.50 6.31
N ILE A 30 -19.47 -2.82 5.16
CA ILE A 30 -18.88 -3.25 3.89
C ILE A 30 -17.83 -4.32 3.98
N VAL A 31 -16.99 -4.19 4.99
CA VAL A 31 -15.88 -5.12 5.11
C VAL A 31 -16.36 -6.56 5.43
N GLU A 32 -17.47 -6.60 6.16
CA GLU A 32 -18.09 -7.84 6.62
C GLU A 32 -18.63 -8.52 5.42
N GLN A 33 -19.01 -7.69 4.46
CA GLN A 33 -19.55 -8.17 3.21
C GLN A 33 -18.45 -8.68 2.30
N CYS A 34 -17.41 -7.87 2.19
CA CYS A 34 -16.38 -8.02 1.17
C CYS A 34 -15.11 -8.72 1.61
N CYS A 35 -15.03 -9.18 2.85
CA CYS A 35 -13.80 -9.87 3.28
C CYS A 35 -13.95 -11.37 3.40
N THR A 36 -15.15 -11.85 3.10
CA THR A 36 -15.37 -13.28 3.08
C THR A 36 -15.18 -13.84 1.68
N SER A 37 -15.79 -13.18 0.71
CA SER A 37 -15.60 -13.49 -0.69
C SER A 37 -15.36 -12.16 -1.38
N ILE A 38 -14.60 -12.18 -2.47
CA ILE A 38 -14.20 -10.95 -3.12
C ILE A 38 -15.38 -10.22 -3.74
N CYS A 39 -15.51 -8.94 -3.42
CA CYS A 39 -16.53 -8.08 -4.02
C CYS A 39 -15.99 -7.52 -5.33
N SER A 40 -16.81 -7.60 -6.37
CA SER A 40 -16.44 -7.03 -7.67
C SER A 40 -16.39 -5.50 -7.62
N LEU A 41 -15.70 -4.91 -8.58
CA LEU A 41 -15.62 -3.46 -8.69
C LEU A 41 -17.01 -2.89 -8.93
N TYR A 42 -17.82 -3.65 -9.67
CA TYR A 42 -19.21 -3.29 -9.93
C TYR A 42 -19.97 -3.15 -8.61
N GLN A 43 -19.75 -4.12 -7.73
CA GLN A 43 -20.38 -4.14 -6.41
C GLN A 43 -19.88 -2.98 -5.56
N LEU A 44 -18.61 -2.64 -5.70
CA LEU A 44 -18.01 -1.57 -4.90
C LEU A 44 -18.54 -0.19 -5.29
N GLU A 45 -18.95 -0.02 -6.55
CA GLU A 45 -19.49 1.27 -7.02
C GLU A 45 -20.72 1.65 -6.20
N ASN A 46 -21.29 0.63 -5.55
CA ASN A 46 -22.47 0.72 -4.69
C ASN A 46 -22.17 1.47 -3.37
N TYR A 47 -20.89 1.60 -3.00
CA TYR A 47 -20.56 2.27 -1.71
C TYR A 47 -20.02 3.68 -1.88
N CYS A 48 -19.92 4.11 -3.13
CA CYS A 48 -19.50 5.46 -3.44
C CYS A 48 -20.54 6.44 -2.94
N ASN A 49 -20.10 7.65 -2.59
CA ASN A 49 -21.04 8.69 -2.18
C ASN A 49 -21.79 9.21 -3.41
N PHE B 1 -4.99 16.21 -11.90
CA PHE B 1 -3.95 16.20 -10.89
C PHE B 1 -3.57 14.76 -10.53
N VAL B 2 -2.46 14.28 -11.07
CA VAL B 2 -1.99 12.95 -10.71
C VAL B 2 -1.50 12.96 -9.26
N ASN B 3 -0.87 14.06 -8.90
CA ASN B 3 -0.36 14.23 -7.54
C ASN B 3 -1.41 14.09 -6.46
N GLN B 4 -2.57 14.73 -6.60
CA GLN B 4 -3.59 14.54 -5.56
C GLN B 4 -4.09 13.12 -5.54
N HIS B 5 -4.20 12.49 -6.71
CA HIS B 5 -4.70 11.13 -6.79
C HIS B 5 -3.77 10.21 -6.02
N LEU B 6 -2.47 10.43 -6.18
CA LEU B 6 -1.46 9.65 -5.47
C LEU B 6 -1.54 9.90 -3.97
N CYS B 7 -1.59 11.17 -3.59
CA CYS B 7 -1.68 11.55 -2.19
C CYS B 7 -2.96 10.97 -1.54
N GLY B 8 -4.06 10.97 -2.28
CA GLY B 8 -5.32 10.47 -1.78
C GLY B 8 -5.22 9.03 -1.36
N SER B 9 -4.50 8.24 -2.13
CA SER B 9 -4.23 6.84 -1.81
C SER B 9 -3.59 6.68 -0.41
N HIS B 10 -2.62 7.53 -0.09
CA HIS B 10 -1.98 7.49 1.22
C HIS B 10 -2.92 7.98 2.32
N LEU B 11 -3.68 9.02 1.98
CA LEU B 11 -4.63 9.60 2.90
C LEU B 11 -5.70 8.60 3.31
N VAL B 12 -6.25 7.84 2.36
CA VAL B 12 -7.30 6.89 2.77
C VAL B 12 -6.74 5.77 3.67
N GLU B 13 -5.49 5.36 3.47
CA GLU B 13 -4.87 4.39 4.39
C GLU B 13 -4.67 4.94 5.80
N ALA B 14 -4.25 6.19 5.87
CA ALA B 14 -4.07 6.85 7.15
C ALA B 14 -5.40 7.01 7.91
N LEU B 15 -6.43 7.40 7.18
CA LEU B 15 -7.76 7.52 7.77
C LEU B 15 -8.24 6.14 8.27
N TYR B 16 -8.01 5.11 7.47
CA TYR B 16 -8.37 3.75 7.87
C TYR B 16 -7.64 3.35 9.16
N LEU B 17 -6.37 3.69 9.24
CA LEU B 17 -5.61 3.27 10.41
C LEU B 17 -6.12 3.94 11.69
N VAL B 18 -6.44 5.22 11.57
CA VAL B 18 -6.88 5.99 12.71
C VAL B 18 -8.32 5.68 13.11
N CYS B 19 -9.21 5.60 12.12
CA CYS B 19 -10.63 5.47 12.40
C CYS B 19 -10.95 4.02 12.72
N GLY B 20 -10.23 3.10 12.10
CA GLY B 20 -10.40 1.69 12.40
C GLY B 20 -11.85 1.26 12.30
N GLU B 21 -12.35 0.73 13.42
CA GLU B 21 -13.67 0.14 13.48
C GLU B 21 -14.79 1.17 13.29
N ARG B 22 -14.51 2.43 13.61
CA ARG B 22 -15.52 3.48 13.49
C ARG B 22 -15.93 3.74 12.04
N GLY B 23 -14.99 3.56 11.13
CA GLY B 23 -15.24 3.87 9.73
C GLY B 23 -15.19 5.38 9.51
N PHE B 24 -15.38 5.80 8.27
CA PHE B 24 -15.29 7.22 7.94
C PHE B 24 -15.92 7.56 6.62
N PHE B 25 -16.06 8.87 6.37
CA PHE B 25 -16.66 9.41 5.16
C PHE B 25 -15.54 10.09 4.39
N TYR B 26 -15.33 9.71 3.13
CA TYR B 26 -14.23 10.32 2.40
C TYR B 26 -14.78 11.19 1.30
N THR B 27 -14.31 12.43 1.26
CA THR B 27 -14.83 13.46 0.37
C THR B 27 -13.69 14.33 -0.14
N LYS B 28 -13.92 15.01 -1.26
CA LYS B 28 -12.97 15.99 -1.80
C LYS B 28 -12.51 17.01 -0.75
N GLY B 29 -13.36 17.25 0.26
CA GLY B 29 -13.06 18.25 1.26
C GLY B 29 -11.92 17.84 2.16
N ILE B 30 -11.74 16.53 2.33
CA ILE B 30 -10.63 16.04 3.12
C ILE B 30 -9.38 16.02 2.24
N VAL B 31 -9.52 15.69 0.96
CA VAL B 31 -8.36 15.61 0.09
C VAL B 31 -7.73 16.98 -0.07
N GLU B 32 -8.55 18.03 -0.20
CA GLU B 32 -8.03 19.38 -0.35
C GLU B 32 -7.35 19.85 0.92
N GLN B 33 -7.83 19.41 2.08
CA GLN B 33 -7.18 19.81 3.30
C GLN B 33 -5.89 19.03 3.52
N CYS B 34 -5.93 17.71 3.33
CA CYS B 34 -4.80 16.90 3.77
C CYS B 34 -3.83 16.49 2.67
N CYS B 35 -4.12 16.82 1.42
CA CYS B 35 -3.15 16.57 0.35
C CYS B 35 -2.55 17.87 -0.22
N THR B 36 -2.90 19.01 0.36
CA THR B 36 -2.18 20.24 0.07
C THR B 36 -1.12 20.47 1.19
N SER B 37 -1.52 20.16 2.42
CA SER B 37 -0.61 20.17 3.56
C SER B 37 -0.80 18.88 4.40
N ILE B 38 0.25 18.42 5.07
CA ILE B 38 0.22 17.16 5.83
C ILE B 38 -0.65 17.25 7.08
N CYS B 39 -1.64 16.36 7.20
CA CYS B 39 -2.48 16.30 8.41
C CYS B 39 -1.92 15.30 9.44
N SER B 40 -1.86 15.71 10.72
CA SER B 40 -1.44 14.82 11.79
C SER B 40 -2.48 13.73 12.00
N LEU B 41 -2.10 12.66 12.68
CA LEU B 41 -3.09 11.61 12.94
C LEU B 41 -4.22 12.14 13.81
N TYR B 42 -3.91 13.09 14.67
CA TYR B 42 -4.93 13.68 15.54
C TYR B 42 -6.00 14.36 14.71
N GLN B 43 -5.57 15.09 13.68
CA GLN B 43 -6.52 15.78 12.82
C GLN B 43 -7.43 14.83 12.04
N LEU B 44 -6.84 13.74 11.54
CA LEU B 44 -7.60 12.82 10.71
C LEU B 44 -8.65 12.13 11.57
N GLU B 45 -8.34 11.93 12.84
CA GLU B 45 -9.24 11.30 13.78
C GLU B 45 -10.55 12.06 13.90
N ASN B 46 -10.50 13.34 13.57
CA ASN B 46 -11.70 14.18 13.56
C ASN B 46 -12.66 13.85 12.42
N TYR B 47 -12.19 13.09 11.43
CA TYR B 47 -13.06 12.70 10.30
C TYR B 47 -13.62 11.30 10.46
N CYS B 48 -13.24 10.60 11.54
CA CYS B 48 -13.80 9.28 11.77
C CYS B 48 -15.29 9.43 12.06
N ASN B 49 -16.10 8.57 11.46
CA ASN B 49 -17.53 8.60 11.73
C ASN B 49 -17.90 7.82 12.96
N PHE C 1 -12.58 -15.22 -2.22
CA PHE C 1 -11.30 -15.90 -2.00
C PHE C 1 -10.25 -14.81 -1.81
N VAL C 2 -10.45 -14.06 -0.73
CA VAL C 2 -9.67 -12.90 -0.33
C VAL C 2 -8.22 -13.01 0.15
N ASN C 3 -7.85 -14.05 0.88
CA ASN C 3 -6.45 -14.20 1.28
C ASN C 3 -5.52 -14.13 0.07
N GLN C 4 -5.88 -14.84 -0.99
CA GLN C 4 -5.04 -14.83 -2.18
C GLN C 4 -5.02 -13.46 -2.85
N HIS C 5 -6.17 -12.80 -2.89
CA HIS C 5 -6.24 -11.48 -3.50
C HIS C 5 -5.40 -10.48 -2.69
N LEU C 6 -5.48 -10.58 -1.37
CA LEU C 6 -4.71 -9.69 -0.52
C LEU C 6 -3.24 -9.94 -0.77
N CYS C 7 -2.84 -11.22 -0.82
CA CYS C 7 -1.45 -11.54 -1.07
C CYS C 7 -0.97 -11.02 -2.43
N GLY C 8 -1.82 -11.16 -3.44
CA GLY C 8 -1.47 -10.72 -4.78
C GLY C 8 -1.16 -9.25 -4.83
N SER C 9 -1.88 -8.48 -4.04
CA SER C 9 -1.66 -7.05 -3.93
C SER C 9 -0.22 -6.72 -3.48
N HIS C 10 0.29 -7.46 -2.50
CA HIS C 10 1.66 -7.25 -2.04
C HIS C 10 2.72 -7.76 -3.03
N LEU C 11 2.40 -8.88 -3.67
CA LEU C 11 3.31 -9.48 -4.62
C LEU C 11 3.60 -8.55 -5.80
N VAL C 12 2.59 -7.86 -6.31
CA VAL C 12 2.85 -6.98 -7.46
C VAL C 12 3.75 -5.82 -7.03
N GLU C 13 3.61 -5.36 -5.78
CA GLU C 13 4.51 -4.32 -5.29
C GLU C 13 5.93 -4.85 -5.20
N ALA C 14 6.08 -6.09 -4.74
CA ALA C 14 7.41 -6.71 -4.68
C ALA C 14 8.02 -6.86 -6.07
N LEU C 15 7.20 -7.26 -7.02
CA LEU C 15 7.64 -7.38 -8.41
C LEU C 15 8.08 -6.02 -8.96
N TYR C 16 7.30 -5.00 -8.63
CA TYR C 16 7.61 -3.66 -9.08
C TYR C 16 8.97 -3.21 -8.53
N LEU C 17 9.20 -3.50 -7.26
CA LEU C 17 10.43 -3.09 -6.60
C LEU C 17 11.62 -3.84 -7.14
N VAL C 18 11.46 -5.13 -7.34
CA VAL C 18 12.57 -5.96 -7.81
C VAL C 18 12.93 -5.70 -9.27
N CYS C 19 11.91 -5.60 -10.13
CA CYS C 19 12.15 -5.51 -11.57
C CYS C 19 12.51 -4.11 -12.04
N GLY C 20 12.04 -3.11 -11.30
CA GLY C 20 12.34 -1.74 -11.65
C GLY C 20 12.00 -1.37 -13.09
N GLU C 21 13.01 -0.85 -13.76
CA GLU C 21 12.88 -0.26 -15.09
C GLU C 21 12.50 -1.31 -16.13
N ARG C 22 12.81 -2.57 -15.84
CA ARG C 22 12.50 -3.69 -16.71
C ARG C 22 11.02 -3.95 -16.88
N GLY C 23 10.23 -3.68 -15.85
CA GLY C 23 8.82 -4.03 -15.91
C GLY C 23 8.70 -5.52 -15.63
N PHE C 24 7.48 -6.02 -15.66
CA PHE C 24 7.26 -7.42 -15.30
C PHE C 24 5.95 -7.94 -15.87
N PHE C 25 5.76 -9.25 -15.77
CA PHE C 25 4.56 -9.87 -16.30
C PHE C 25 3.81 -10.46 -15.13
N TYR C 26 2.52 -10.14 -15.00
CA TYR C 26 1.76 -10.65 -13.88
C TYR C 26 0.66 -11.61 -14.29
N THR C 27 0.61 -12.76 -13.63
CA THR C 27 -0.32 -13.82 -13.99
C THR C 27 -0.88 -14.47 -12.75
N LYS C 28 -2.18 -14.81 -12.75
CA LYS C 28 -2.60 -15.84 -11.82
C LYS C 28 -1.65 -16.99 -12.09
N GLY C 29 -1.21 -17.72 -11.07
CA GLY C 29 -0.15 -18.68 -11.36
C GLY C 29 1.10 -18.20 -10.66
N ILE C 30 1.54 -16.99 -10.97
CA ILE C 30 2.66 -16.44 -10.22
C ILE C 30 2.16 -16.23 -8.79
N VAL C 31 0.89 -15.85 -8.64
CA VAL C 31 0.37 -15.65 -7.29
C VAL C 31 0.26 -17.00 -6.54
N GLU C 32 -0.15 -18.08 -7.22
CA GLU C 32 -0.28 -19.36 -6.52
C GLU C 32 1.06 -19.90 -6.11
N GLN C 33 2.09 -19.53 -6.86
CA GLN C 33 3.44 -19.92 -6.52
C GLN C 33 3.89 -19.11 -5.30
N CYS C 34 3.71 -17.80 -5.35
CA CYS C 34 4.31 -16.92 -4.35
C CYS C 34 3.36 -16.48 -3.22
N CYS C 35 2.10 -16.91 -3.28
CA CYS C 35 1.18 -16.65 -2.19
C CYS C 35 0.80 -17.91 -1.43
N THR C 36 1.31 -19.05 -1.89
CA THR C 36 1.18 -20.29 -1.15
C THR C 36 2.44 -20.42 -0.31
N SER C 37 3.57 -20.08 -0.93
CA SER C 37 4.83 -20.04 -0.23
C SER C 37 5.55 -18.74 -0.50
N ILE C 38 6.28 -18.26 0.49
CA ILE C 38 6.94 -16.97 0.37
C ILE C 38 8.11 -17.04 -0.64
N CYS C 39 8.04 -16.22 -1.68
CA CYS C 39 9.12 -16.14 -2.66
C CYS C 39 10.15 -15.08 -2.24
N SER C 40 11.43 -15.44 -2.29
CA SER C 40 12.51 -14.48 -2.02
C SER C 40 12.57 -13.47 -3.15
N LEU C 41 13.25 -12.35 -2.93
CA LEU C 41 13.36 -11.33 -3.98
C LEU C 41 14.12 -11.90 -5.21
N TYR C 42 15.06 -12.79 -4.93
CA TYR C 42 15.81 -13.51 -5.94
C TYR C 42 14.89 -14.32 -6.85
N GLN C 43 13.94 -15.03 -6.23
CA GLN C 43 12.98 -15.85 -6.96
C GLN C 43 12.11 -14.98 -7.88
N LEU C 44 11.77 -13.79 -7.39
CA LEU C 44 10.86 -12.88 -8.09
C LEU C 44 11.44 -12.30 -9.37
N GLU C 45 12.76 -12.16 -9.42
CA GLU C 45 13.42 -11.59 -10.58
C GLU C 45 13.12 -12.42 -11.84
N ASN C 46 12.72 -13.67 -11.65
CA ASN C 46 12.38 -14.55 -12.76
C ASN C 46 11.19 -14.03 -13.54
N TYR C 47 10.41 -13.16 -12.92
CA TYR C 47 9.17 -12.68 -13.53
C TYR C 47 9.33 -11.30 -14.16
N CYS C 48 10.53 -10.75 -14.06
CA CYS C 48 10.87 -9.51 -14.73
C CYS C 48 10.88 -9.71 -16.24
N ASN C 49 10.54 -8.67 -17.00
CA ASN C 49 10.64 -8.75 -18.46
C ASN C 49 12.10 -8.63 -18.84
N PHE D 1 11.78 9.72 -13.48
CA PHE D 1 11.40 10.82 -12.60
C PHE D 1 11.31 10.28 -11.18
N VAL D 2 11.42 11.18 -10.20
CA VAL D 2 11.23 10.79 -8.82
C VAL D 2 9.73 10.48 -8.71
N ASN D 3 8.95 11.38 -9.31
CA ASN D 3 7.51 11.26 -9.43
C ASN D 3 7.06 9.97 -10.13
N GLN D 4 7.69 9.60 -11.24
CA GLN D 4 7.22 8.41 -11.98
C GLN D 4 7.42 7.12 -11.21
N HIS D 5 8.53 7.02 -10.49
CA HIS D 5 8.80 5.82 -9.70
C HIS D 5 7.73 5.58 -8.63
N LEU D 6 7.35 6.64 -7.94
CA LEU D 6 6.31 6.56 -6.93
C LEU D 6 4.96 6.30 -7.60
N CYS D 7 4.68 7.03 -8.67
CA CYS D 7 3.44 6.86 -9.41
C CYS D 7 3.28 5.44 -9.91
N GLY D 8 4.37 4.86 -10.39
CA GLY D 8 4.35 3.49 -10.89
C GLY D 8 3.91 2.48 -9.83
N SER D 9 4.34 2.73 -8.59
CA SER D 9 3.93 1.92 -7.44
C SER D 9 2.40 1.87 -7.31
N HIS D 10 1.75 3.02 -7.47
CA HIS D 10 0.29 3.09 -7.38
C HIS D 10 -0.37 2.49 -8.60
N LEU D 11 0.26 2.70 -9.75
CA LEU D 11 -0.28 2.20 -11.01
C LEU D 11 -0.34 0.68 -11.01
N VAL D 12 0.69 -0.01 -10.51
CA VAL D 12 0.65 -1.48 -10.57
C VAL D 12 -0.44 -2.01 -9.66
N GLU D 13 -0.69 -1.34 -8.54
CA GLU D 13 -1.78 -1.68 -7.61
C GLU D 13 -3.16 -1.53 -8.27
N ALA D 14 -3.34 -0.44 -9.01
CA ALA D 14 -4.60 -0.20 -9.75
C ALA D 14 -4.79 -1.24 -10.83
N LEU D 15 -3.71 -1.56 -11.54
CA LEU D 15 -3.77 -2.57 -12.59
C LEU D 15 -4.14 -3.92 -12.00
N TYR D 16 -3.56 -4.25 -10.86
CA TYR D 16 -3.90 -5.50 -10.18
C TYR D 16 -5.38 -5.57 -9.76
N LEU D 17 -5.90 -4.48 -9.20
CA LEU D 17 -7.28 -4.47 -8.72
C LEU D 17 -8.26 -4.63 -9.87
N VAL D 18 -7.94 -3.95 -10.95
CA VAL D 18 -8.75 -3.97 -12.16
C VAL D 18 -8.67 -5.25 -12.98
N CYS D 19 -7.46 -5.78 -13.20
CA CYS D 19 -7.31 -6.91 -14.11
C CYS D 19 -7.61 -8.22 -13.41
N GLY D 20 -7.31 -8.26 -12.11
CA GLY D 20 -7.49 -9.44 -11.31
C GLY D 20 -6.80 -10.65 -11.91
N GLU D 21 -7.53 -11.76 -11.98
CA GLU D 21 -6.95 -13.03 -12.41
C GLU D 21 -6.59 -13.06 -13.89
N ARG D 22 -7.12 -12.11 -14.66
CA ARG D 22 -6.73 -12.00 -16.06
C ARG D 22 -5.25 -11.68 -16.15
N GLY D 23 -4.73 -10.95 -15.18
CA GLY D 23 -3.34 -10.53 -15.18
C GLY D 23 -3.05 -9.35 -16.08
N PHE D 24 -1.80 -8.92 -16.14
CA PHE D 24 -1.41 -7.78 -16.96
C PHE D 24 0.07 -7.72 -17.27
N PHE D 25 0.42 -6.82 -18.17
CA PHE D 25 1.79 -6.66 -18.64
C PHE D 25 2.21 -5.26 -18.19
N TYR D 26 3.31 -5.12 -17.46
CA TYR D 26 3.68 -3.80 -17.00
C TYR D 26 4.97 -3.44 -17.70
N THR D 27 5.00 -2.28 -18.35
CA THR D 27 5.96 -2.14 -19.45
C THR D 27 6.74 -0.86 -19.54
N LYS D 28 6.43 0.09 -18.66
CA LYS D 28 7.14 1.37 -18.63
C LYS D 28 6.87 2.04 -19.97
N GLY D 29 5.72 2.69 -20.06
CA GLY D 29 5.12 3.06 -21.32
C GLY D 29 3.65 3.07 -20.97
N ILE D 30 3.32 2.21 -20.01
CA ILE D 30 2.00 2.23 -19.41
C ILE D 30 2.10 3.39 -18.41
N VAL D 31 3.28 3.50 -17.80
CA VAL D 31 3.56 4.57 -16.86
C VAL D 31 3.64 5.94 -17.55
N GLU D 32 4.21 5.99 -18.76
CA GLU D 32 4.36 7.26 -19.45
C GLU D 32 2.98 7.80 -19.79
N GLN D 33 2.04 6.90 -20.03
CA GLN D 33 0.67 7.33 -20.24
C GLN D 33 -0.04 7.71 -18.95
N CYS D 34 0.01 6.84 -17.94
CA CYS D 34 -0.90 6.98 -16.81
C CYS D 34 -0.29 7.75 -15.64
N CYS D 35 0.97 8.15 -15.78
CA CYS D 35 1.57 8.95 -14.72
C CYS D 35 1.77 10.40 -15.13
N THR D 36 1.37 10.74 -16.35
CA THR D 36 1.33 12.15 -16.76
C THR D 36 -0.09 12.71 -16.59
N SER D 37 -1.07 11.91 -17.03
CA SER D 37 -2.48 12.22 -16.81
C SER D 37 -3.15 11.00 -16.23
N ILE D 38 -4.19 11.19 -15.44
CA ILE D 38 -4.79 10.07 -14.73
C ILE D 38 -5.55 9.12 -15.65
N CYS D 39 -5.22 7.83 -15.59
CA CYS D 39 -5.95 6.82 -16.34
C CYS D 39 -7.12 6.32 -15.52
N SER D 40 -8.31 6.29 -16.11
CA SER D 40 -9.50 5.75 -15.43
C SER D 40 -9.35 4.24 -15.27
N LEU D 41 -10.17 3.64 -14.42
CA LEU D 41 -10.14 2.19 -14.31
C LEU D 41 -10.56 1.57 -15.65
N TYR D 42 -11.46 2.26 -16.34
CA TYR D 42 -11.92 1.83 -17.66
C TYR D 42 -10.74 1.79 -18.62
N GLN D 43 -9.91 2.84 -18.59
CA GLN D 43 -8.71 2.88 -19.42
C GLN D 43 -7.72 1.79 -19.04
N LEU D 44 -7.61 1.53 -17.74
CA LEU D 44 -6.62 0.54 -17.27
C LEU D 44 -6.98 -0.89 -17.66
N GLU D 45 -8.27 -1.20 -17.75
CA GLU D 45 -8.71 -2.54 -18.16
C GLU D 45 -8.20 -2.92 -19.55
N ASN D 46 -7.83 -1.90 -20.31
CA ASN D 46 -7.29 -2.06 -21.65
C ASN D 46 -5.90 -2.68 -21.63
N TYR D 47 -5.27 -2.68 -20.46
CA TYR D 47 -3.92 -3.24 -20.33
C TYR D 47 -3.99 -4.62 -19.72
N CYS D 48 -5.20 -5.04 -19.36
CA CYS D 48 -5.39 -6.40 -18.89
C CYS D 48 -5.22 -7.30 -20.09
N ASN D 49 -4.57 -8.44 -19.94
CA ASN D 49 -4.53 -9.36 -21.06
C ASN D 49 -5.75 -10.30 -21.02
N PHE E 1 5.68 -17.31 7.68
CA PHE E 1 4.65 -17.75 6.73
C PHE E 1 4.08 -16.53 6.04
N VAL E 2 3.31 -16.72 4.96
CA VAL E 2 2.91 -15.57 4.16
C VAL E 2 1.99 -14.58 4.87
N ASN E 3 1.03 -15.03 5.68
CA ASN E 3 0.18 -14.11 6.42
C ASN E 3 0.90 -13.14 7.35
N GLN E 4 1.84 -13.69 8.11
CA GLN E 4 2.66 -12.92 9.03
C GLN E 4 3.51 -11.94 8.26
N HIS E 5 4.02 -12.42 7.14
CA HIS E 5 4.87 -11.60 6.29
C HIS E 5 4.08 -10.41 5.78
N LEU E 6 2.86 -10.69 5.35
CA LEU E 6 1.97 -9.66 4.84
C LEU E 6 1.59 -8.68 5.93
N CYS E 7 1.19 -9.21 7.09
CA CYS E 7 0.77 -8.38 8.21
C CYS E 7 1.88 -7.40 8.59
N GLY E 8 3.13 -7.86 8.56
CA GLY E 8 4.26 -7.01 8.89
C GLY E 8 4.35 -5.78 8.02
N SER E 9 4.02 -5.95 6.74
CA SER E 9 3.99 -4.84 5.77
C SER E 9 3.03 -3.71 6.23
N HIS E 10 1.86 -4.10 6.71
CA HIS E 10 0.89 -3.13 7.22
C HIS E 10 1.37 -2.54 8.53
N LEU E 11 2.00 -3.37 9.35
CA LEU E 11 2.50 -2.88 10.64
C LEU E 11 3.55 -1.78 10.49
N VAL E 12 4.52 -1.93 9.59
CA VAL E 12 5.50 -0.86 9.43
C VAL E 12 4.91 0.41 8.82
N GLU E 13 3.87 0.29 7.97
CA GLU E 13 3.18 1.47 7.47
C GLU E 13 2.48 2.21 8.62
N ALA E 14 1.90 1.45 9.55
CA ALA E 14 1.24 2.00 10.71
C ALA E 14 2.25 2.72 11.58
N LEU E 15 3.40 2.09 11.80
CA LEU E 15 4.49 2.67 12.61
C LEU E 15 5.03 3.95 11.98
N TYR E 16 5.20 3.95 10.66
CA TYR E 16 5.63 5.16 9.94
C TYR E 16 4.65 6.33 10.17
N LEU E 17 3.36 6.04 10.11
CA LEU E 17 2.34 7.06 10.29
C LEU E 17 2.26 7.52 11.75
N VAL E 18 2.38 6.58 12.68
CA VAL E 18 2.25 6.90 14.09
C VAL E 18 3.46 7.69 14.58
N CYS E 19 4.65 7.26 14.16
CA CYS E 19 5.90 7.79 14.69
C CYS E 19 6.34 9.09 14.01
N GLY E 20 5.94 9.29 12.78
CA GLY E 20 6.30 10.49 12.05
C GLY E 20 7.80 10.73 12.02
N GLU E 21 8.24 11.95 12.29
CA GLU E 21 9.64 12.26 12.07
C GLU E 21 10.60 11.55 13.01
N ARG E 22 10.09 11.08 14.15
CA ARG E 22 10.90 10.35 15.13
C ARG E 22 11.46 9.09 14.53
N GLY E 23 10.73 8.52 13.58
CA GLY E 23 11.15 7.24 13.02
C GLY E 23 10.77 6.13 13.99
N PHE E 24 11.16 4.91 13.65
CA PHE E 24 10.73 3.77 14.45
C PHE E 24 11.69 2.61 14.29
N PHE E 25 11.44 1.60 15.11
CA PHE E 25 12.15 0.34 15.22
C PHE E 25 11.21 -0.88 15.20
N TYR E 26 11.53 -1.95 14.49
CA TYR E 26 10.71 -3.15 14.70
C TYR E 26 11.58 -4.40 14.59
N THR E 27 11.06 -5.51 15.08
CA THR E 27 11.75 -6.79 15.10
C THR E 27 10.72 -7.85 14.79
N LYS E 28 11.15 -9.04 14.38
CA LYS E 28 10.18 -10.12 14.23
C LYS E 28 10.03 -10.76 15.57
N GLY E 29 9.27 -10.04 16.37
CA GLY E 29 9.05 -10.28 17.78
C GLY E 29 7.94 -9.30 18.08
N ILE E 30 8.05 -8.13 17.45
CA ILE E 30 7.02 -7.11 17.51
C ILE E 30 5.92 -7.39 16.48
N VAL E 31 6.33 -7.86 15.31
CA VAL E 31 5.39 -8.20 14.26
C VAL E 31 4.53 -9.35 14.75
N GLU E 32 5.14 -10.28 15.45
CA GLU E 32 4.38 -11.41 15.94
C GLU E 32 3.34 -10.95 16.96
N GLN E 33 3.70 -9.94 17.72
CA GLN E 33 2.84 -9.40 18.77
C GLN E 33 1.63 -8.67 18.20
N CYS E 34 1.84 -7.84 17.19
CA CYS E 34 0.77 -6.96 16.75
C CYS E 34 0.04 -7.61 15.60
N CYS E 35 0.49 -8.80 15.19
CA CYS E 35 -0.24 -9.49 14.14
C CYS E 35 -1.02 -10.69 14.70
N THR E 36 -0.83 -11.02 15.96
CA THR E 36 -1.64 -12.08 16.57
C THR E 36 -2.89 -11.46 17.11
N SER E 37 -2.71 -10.31 17.76
CA SER E 37 -3.78 -9.47 18.23
C SER E 37 -3.48 -8.06 17.79
N ILE E 38 -4.52 -7.28 17.53
CA ILE E 38 -4.32 -5.95 16.99
C ILE E 38 -3.75 -4.96 18.03
N CYS E 39 -2.69 -4.25 17.65
CA CYS E 39 -2.11 -3.21 18.51
C CYS E 39 -2.76 -1.84 18.30
N SER E 40 -3.09 -1.17 19.39
CA SER E 40 -3.62 0.17 19.34
C SER E 40 -2.53 1.16 18.91
N LEU E 41 -2.96 2.35 18.52
CA LEU E 41 -2.01 3.39 18.14
C LEU E 41 -1.11 3.68 19.35
N TYR E 42 -1.70 3.58 20.54
CA TYR E 42 -0.96 3.77 21.78
C TYR E 42 0.14 2.77 21.98
N GLN E 43 -0.18 1.50 21.73
CA GLN E 43 0.81 0.44 21.83
C GLN E 43 1.92 0.63 20.80
N LEU E 44 1.52 1.10 19.62
CA LEU E 44 2.46 1.27 18.51
C LEU E 44 3.47 2.37 18.81
N GLU E 45 3.05 3.36 19.60
CA GLU E 45 3.92 4.47 20.01
C GLU E 45 5.11 3.97 20.79
N ASN E 46 4.98 2.76 21.31
CA ASN E 46 6.06 2.13 22.08
C ASN E 46 7.26 1.75 21.21
N TYR E 47 7.05 1.72 19.89
CA TYR E 47 8.12 1.29 18.97
C TYR E 47 8.76 2.44 18.20
N CYS E 48 8.34 3.66 18.50
CA CYS E 48 8.95 4.87 17.94
C CYS E 48 10.37 5.05 18.48
N ASN E 49 11.26 5.67 17.71
CA ASN E 49 12.64 5.94 18.16
C ASN E 49 12.70 7.09 19.15
N PHE F 1 7.20 18.74 4.27
CA PHE F 1 7.09 18.60 2.82
C PHE F 1 6.31 17.33 2.53
N VAL F 2 5.16 17.49 1.87
CA VAL F 2 4.30 16.35 1.59
C VAL F 2 4.97 15.28 0.70
N ASN F 3 5.72 15.67 -0.32
CA ASN F 3 6.40 14.66 -1.14
C ASN F 3 7.40 13.79 -0.35
N GLN F 4 8.14 14.38 0.59
CA GLN F 4 9.02 13.59 1.47
C GLN F 4 8.23 12.63 2.33
N HIS F 5 7.09 13.11 2.80
CA HIS F 5 6.19 12.26 3.59
C HIS F 5 5.66 11.07 2.78
N LEU F 6 5.27 11.33 1.54
CA LEU F 6 4.74 10.28 0.67
C LEU F 6 5.82 9.29 0.26
N CYS F 7 6.96 9.81 -0.16
CA CYS F 7 8.08 8.94 -0.54
C CYS F 7 8.47 8.03 0.64
N GLY F 8 8.48 8.59 1.84
CA GLY F 8 8.85 7.85 3.03
C GLY F 8 7.96 6.62 3.21
N SER F 9 6.67 6.77 2.92
CA SER F 9 5.77 5.64 2.96
C SER F 9 6.21 4.50 2.00
N HIS F 10 6.64 4.85 0.80
CA HIS F 10 7.11 3.85 -0.15
C HIS F 10 8.44 3.23 0.25
N LEU F 11 9.31 4.05 0.81
CA LEU F 11 10.60 3.58 1.31
C LEU F 11 10.45 2.55 2.41
N VAL F 12 9.52 2.75 3.36
CA VAL F 12 9.39 1.74 4.41
C VAL F 12 8.86 0.43 3.81
N GLU F 13 8.00 0.54 2.81
CA GLU F 13 7.49 -0.66 2.15
C GLU F 13 8.67 -1.45 1.53
N ALA F 14 9.55 -0.71 0.87
CA ALA F 14 10.72 -1.30 0.22
C ALA F 14 11.70 -1.88 1.21
N LEU F 15 11.95 -1.14 2.28
CA LEU F 15 12.83 -1.61 3.32
C LEU F 15 12.28 -2.88 3.93
N TYR F 16 10.97 -2.91 4.14
CA TYR F 16 10.36 -4.12 4.70
C TYR F 16 10.50 -5.32 3.75
N LEU F 17 10.30 -5.08 2.45
CA LEU F 17 10.36 -6.18 1.50
C LEU F 17 11.78 -6.75 1.49
N VAL F 18 12.77 -5.87 1.59
CA VAL F 18 14.17 -6.29 1.62
C VAL F 18 14.58 -6.90 2.96
N CYS F 19 14.20 -6.25 4.05
CA CYS F 19 14.66 -6.70 5.37
C CYS F 19 13.78 -7.81 5.97
N GLY F 20 12.48 -7.78 5.66
CA GLY F 20 11.58 -8.81 6.17
C GLY F 20 11.71 -8.95 7.68
N GLU F 21 12.00 -10.18 8.11
CA GLU F 21 12.04 -10.59 9.51
C GLU F 21 13.16 -9.98 10.32
N ARG F 22 14.25 -9.61 9.65
CA ARG F 22 15.36 -9.03 10.37
C ARG F 22 15.03 -7.69 11.01
N GLY F 23 14.11 -6.95 10.39
CA GLY F 23 13.74 -5.65 10.88
C GLY F 23 14.77 -4.59 10.57
N PHE F 24 14.47 -3.37 10.96
CA PHE F 24 15.34 -2.23 10.73
C PHE F 24 15.00 -1.07 11.64
N PHE F 25 15.90 -0.09 11.61
CA PHE F 25 15.77 1.14 12.39
C PHE F 25 15.49 2.16 11.31
N TYR F 26 14.39 2.89 11.42
CA TYR F 26 14.06 3.82 10.37
C TYR F 26 14.24 5.20 10.95
N THR F 27 15.04 6.01 10.26
CA THR F 27 15.40 7.35 10.71
C THR F 27 15.42 8.29 9.53
N LYS F 28 15.42 9.57 9.84
CA LYS F 28 15.51 10.68 8.92
C LYS F 28 16.61 10.57 7.87
N GLY F 29 17.81 10.19 8.30
CA GLY F 29 18.92 10.02 7.38
C GLY F 29 18.63 9.07 6.22
N ILE F 30 17.79 8.07 6.44
CA ILE F 30 17.51 7.14 5.35
C ILE F 30 16.54 7.77 4.34
N VAL F 31 15.57 8.53 4.83
CA VAL F 31 14.65 9.17 3.89
C VAL F 31 15.44 10.23 3.11
N GLU F 32 16.39 10.89 3.77
CA GLU F 32 17.18 11.88 3.05
C GLU F 32 18.03 11.25 1.95
N GLN F 33 18.50 10.02 2.18
CA GLN F 33 19.30 9.31 1.18
C GLN F 33 18.44 8.76 0.05
N CYS F 34 17.35 8.09 0.42
CA CYS F 34 16.63 7.29 -0.57
C CYS F 34 15.39 7.99 -1.14
N CYS F 35 15.06 9.19 -0.64
CA CYS F 35 13.96 9.95 -1.23
C CYS F 35 14.45 11.21 -1.98
N THR F 36 15.75 11.41 -2.03
CA THR F 36 16.29 12.44 -2.89
C THR F 36 16.83 11.78 -4.17
N SER F 37 17.44 10.61 -3.98
CA SER F 37 17.88 9.75 -5.07
C SER F 37 17.41 8.33 -4.82
N ILE F 38 17.10 7.59 -5.88
CA ILE F 38 16.55 6.24 -5.74
C ILE F 38 17.61 5.24 -5.26
N CYS F 39 17.30 4.51 -4.19
CA CYS F 39 18.19 3.49 -3.65
C CYS F 39 17.97 2.12 -4.26
N SER F 40 19.05 1.47 -4.64
CA SER F 40 19.03 0.10 -5.14
C SER F 40 18.71 -0.87 -4.02
N LEU F 41 18.36 -2.09 -4.39
CA LEU F 41 18.09 -3.11 -3.39
C LEU F 41 19.32 -3.35 -2.49
N TYR F 42 20.53 -3.26 -3.05
CA TYR F 42 21.73 -3.43 -2.24
C TYR F 42 21.84 -2.31 -1.21
N GLN F 43 21.55 -1.09 -1.65
CA GLN F 43 21.63 0.05 -0.75
C GLN F 43 20.65 -0.11 0.40
N LEU F 44 19.46 -0.65 0.12
CA LEU F 44 18.47 -0.82 1.16
C LEU F 44 18.89 -1.87 2.20
N GLU F 45 19.59 -2.92 1.77
CA GLU F 45 20.03 -4.00 2.67
C GLU F 45 20.95 -3.49 3.75
N ASN F 46 21.55 -2.34 3.47
CA ASN F 46 22.45 -1.70 4.35
C ASN F 46 21.78 -1.23 5.62
N TYR F 47 20.46 -1.07 5.57
CA TYR F 47 19.75 -0.56 6.73
C TYR F 47 19.04 -1.65 7.53
N CYS F 48 19.11 -2.89 7.05
CA CYS F 48 18.56 -4.03 7.77
C CYS F 48 19.31 -4.31 9.06
N ASN F 49 18.61 -4.84 10.07
CA ASN F 49 19.30 -5.24 11.30
C ASN F 49 20.08 -6.53 11.11
#